data_7BNT
#
_entry.id   7BNT
#
_cell.length_a   119.486
_cell.length_b   119.486
_cell.length_c   35.974
_cell.angle_alpha   90.000
_cell.angle_beta   90.000
_cell.angle_gamma   90.000
#
_symmetry.space_group_name_H-M   'P 41 21 2'
#
loop_
_entity.id
_entity.type
_entity.pdbx_description
1 polymer 'Predicted ancestral HMA domain of Pik-1 from Oryza spp.'
2 polymer 'AVR-Pik protein'
3 non-polymer 1,2-ETHANEDIOL
4 water water
#
loop_
_entity_poly.entity_id
_entity_poly.type
_entity_poly.pdbx_seq_one_letter_code
_entity_poly.pdbx_strand_id
1 'polypeptide(L)' GPGMKQKIVIKVPMASDKCRSKAMALVASTGGVDSVALVGDLRDKIEVVGDGIDSIKLVSALRKKVGHAELLQVS A,B
2 'polypeptide(L)'
;GPETGNKYIEKRAIDLSRERDPNFFDHPGIPVPECFWFMFKNNVRQDAGTCYSSWKMDMKVGPNWVHIKSDDNCNLSGDF
PPGWIVLGKKRPGF
;
C
#
# COMPACT_ATOMS: atom_id res chain seq x y z
N LYS A 5 -1.74 17.97 4.61
CA LYS A 5 -2.13 16.52 4.72
C LYS A 5 -3.22 16.31 5.78
N GLN A 6 -4.25 15.58 5.39
CA GLN A 6 -5.43 15.39 6.26
C GLN A 6 -5.82 13.92 6.22
N LYS A 7 -6.55 13.53 7.25
CA LYS A 7 -7.25 12.24 7.33
C LYS A 7 -8.75 12.56 7.30
N ILE A 8 -9.44 12.00 6.33
CA ILE A 8 -10.89 12.21 6.10
C ILE A 8 -11.54 10.84 6.28
N VAL A 9 -12.63 10.83 7.05
CA VAL A 9 -13.40 9.57 7.21
C VAL A 9 -14.83 9.84 6.78
N ILE A 10 -15.33 9.00 5.87
CA ILE A 10 -16.70 9.13 5.29
C ILE A 10 -17.41 7.78 5.44
N LYS A 11 -18.62 7.83 5.99
CA LYS A 11 -19.54 6.67 5.98
C LYS A 11 -20.34 6.67 4.68
N VAL A 12 -20.34 5.53 3.99
CA VAL A 12 -21.06 5.36 2.70
C VAL A 12 -21.93 4.14 2.91
N PRO A 13 -23.25 4.30 3.12
CA PRO A 13 -24.14 3.15 3.23
C PRO A 13 -23.98 2.26 1.99
N MET A 14 -23.75 0.97 2.24
CA MET A 14 -23.44 0.01 1.16
C MET A 14 -24.61 -0.95 0.99
N ALA A 15 -25.12 -1.07 -0.22
CA ALA A 15 -26.18 -2.03 -0.57
C ALA A 15 -25.58 -3.39 -0.92
N SER A 16 -24.31 -3.41 -1.33
CA SER A 16 -23.65 -4.62 -1.89
C SER A 16 -22.15 -4.35 -2.02
N ASP A 17 -21.38 -5.39 -2.32
CA ASP A 17 -19.95 -5.26 -2.67
C ASP A 17 -19.76 -4.42 -3.94
N LYS A 18 -20.74 -4.30 -4.83
CA LYS A 18 -20.64 -3.43 -6.02
C LYS A 18 -20.54 -1.98 -5.53
N CYS A 19 -21.34 -1.62 -4.52
CA CYS A 19 -21.30 -0.27 -3.89
C CYS A 19 -19.90 -0.04 -3.30
N ARG A 20 -19.38 -1.04 -2.58
CA ARG A 20 -18.06 -0.88 -1.92
C ARG A 20 -17.00 -0.64 -2.99
N SER A 21 -17.04 -1.43 -4.06
CA SER A 21 -16.07 -1.35 -5.17
C SER A 21 -16.13 0.06 -5.79
N LYS A 22 -17.34 0.55 -6.07
CA LYS A 22 -17.51 1.88 -6.69
C LYS A 22 -16.97 2.96 -5.75
N ALA A 23 -17.28 2.88 -4.47
CA ALA A 23 -16.91 3.92 -3.51
C ALA A 23 -15.40 3.91 -3.34
N MET A 24 -14.81 2.73 -3.21
CA MET A 24 -13.35 2.63 -3.04
C MET A 24 -12.65 3.14 -4.30
N ALA A 25 -13.12 2.78 -5.48
CA ALA A 25 -12.52 3.22 -6.75
C ALA A 25 -12.58 4.75 -6.80
N LEU A 26 -13.73 5.34 -6.49
CA LEU A 26 -13.90 6.80 -6.60
C LEU A 26 -12.92 7.49 -5.65
N VAL A 27 -12.90 7.06 -4.38
CA VAL A 27 -12.00 7.71 -3.41
C VAL A 27 -10.54 7.53 -3.83
N ALA A 28 -10.15 6.33 -4.23
CA ALA A 28 -8.73 6.03 -4.52
C ALA A 28 -8.30 6.77 -5.78
N SER A 29 -9.25 7.15 -6.63
CA SER A 29 -8.96 7.84 -7.92
C SER A 29 -8.68 9.32 -7.68
N THR A 30 -8.98 9.82 -6.47
CA THR A 30 -9.00 11.27 -6.16
C THR A 30 -7.59 11.83 -6.12
N GLY A 31 -7.39 13.01 -6.71
CA GLY A 31 -6.07 13.63 -6.67
C GLY A 31 -5.58 13.85 -5.24
N GLY A 32 -4.30 13.57 -4.98
CA GLY A 32 -3.66 13.87 -3.69
C GLY A 32 -3.75 12.72 -2.70
N VAL A 33 -4.40 11.62 -3.09
CA VAL A 33 -4.58 10.48 -2.15
C VAL A 33 -3.27 9.72 -1.93
N ASP A 34 -2.95 9.48 -0.67
CA ASP A 34 -1.84 8.61 -0.21
C ASP A 34 -2.35 7.20 0.12
N SER A 35 -3.49 7.08 0.76
CA SER A 35 -3.99 5.80 1.28
C SER A 35 -5.51 5.84 1.36
N VAL A 36 -6.09 4.65 1.22
CA VAL A 36 -7.54 4.43 1.41
C VAL A 36 -7.73 3.14 2.18
N ALA A 37 -8.56 3.17 3.22
CA ALA A 37 -8.87 1.96 3.98
C ALA A 37 -10.39 1.89 4.15
N LEU A 38 -10.93 0.70 3.91
CA LEU A 38 -12.35 0.41 4.10
C LEU A 38 -12.44 -0.29 5.45
N VAL A 39 -13.18 0.30 6.37
CA VAL A 39 -13.21 -0.13 7.79
C VAL A 39 -14.67 -0.27 8.24
N GLY A 40 -14.85 -0.82 9.42
CA GLY A 40 -16.18 -1.06 10.00
C GLY A 40 -16.63 -2.49 9.79
N ASP A 41 -17.51 -2.96 10.66
CA ASP A 41 -18.10 -4.32 10.59
C ASP A 41 -18.70 -4.57 9.21
N LEU A 42 -19.39 -3.56 8.64
CA LEU A 42 -20.08 -3.67 7.34
C LEU A 42 -19.23 -3.04 6.23
N ARG A 43 -17.95 -2.79 6.50
CA ARG A 43 -17.01 -2.32 5.46
C ARG A 43 -17.69 -1.17 4.72
N ASP A 44 -18.05 -0.14 5.46
CA ASP A 44 -18.85 0.98 4.92
C ASP A 44 -18.34 2.33 5.43
N LYS A 45 -17.14 2.37 6.00
CA LYS A 45 -16.45 3.62 6.38
C LYS A 45 -15.13 3.67 5.65
N ILE A 46 -14.91 4.78 4.98
CA ILE A 46 -13.69 4.97 4.18
C ILE A 46 -12.80 5.99 4.88
N GLU A 47 -11.56 5.58 5.19
CA GLU A 47 -10.52 6.47 5.72
C GLU A 47 -9.58 6.80 4.57
N VAL A 48 -9.46 8.08 4.26
CA VAL A 48 -8.57 8.51 3.14
C VAL A 48 -7.60 9.55 3.71
N VAL A 49 -6.31 9.35 3.44
CA VAL A 49 -5.25 10.30 3.83
C VAL A 49 -4.66 10.87 2.55
N GLY A 50 -4.44 12.17 2.56
CA GLY A 50 -3.73 12.83 1.44
C GLY A 50 -3.74 14.33 1.55
N ASP A 51 -3.32 14.96 0.47
CA ASP A 51 -3.02 16.41 0.41
C ASP A 51 -4.00 17.07 -0.54
N GLY A 52 -4.57 18.20 -0.12
CA GLY A 52 -5.37 19.05 -1.04
C GLY A 52 -6.67 18.37 -1.43
N ILE A 53 -7.17 17.45 -0.61
CA ILE A 53 -8.47 16.78 -0.86
C ILE A 53 -9.60 17.67 -0.34
N ASP A 54 -10.59 17.91 -1.19
CA ASP A 54 -11.78 18.68 -0.83
C ASP A 54 -12.80 17.69 -0.26
N SER A 55 -12.92 17.64 1.06
CA SER A 55 -13.77 16.62 1.72
C SER A 55 -15.23 16.78 1.28
N ILE A 56 -15.74 18.01 1.20
CA ILE A 56 -17.16 18.23 0.84
C ILE A 56 -17.38 17.77 -0.60
N LYS A 57 -16.51 18.10 -1.53
CA LYS A 57 -16.65 17.65 -2.94
C LYS A 57 -16.60 16.12 -2.99
N LEU A 58 -15.77 15.50 -2.17
CA LEU A 58 -15.66 14.02 -2.18
C LEU A 58 -16.95 13.38 -1.66
N VAL A 59 -17.51 13.96 -0.61
CA VAL A 59 -18.82 13.48 -0.09
C VAL A 59 -19.89 13.66 -1.17
N SER A 60 -19.91 14.80 -1.86
N SER A 60 -19.92 14.81 -1.85
CA SER A 60 -20.90 15.09 -2.94
CA SER A 60 -20.89 15.09 -2.94
C SER A 60 -20.77 14.06 -4.07
C SER A 60 -20.76 14.01 -4.02
N ALA A 61 -19.53 13.70 -4.43
CA ALA A 61 -19.26 12.75 -5.52
C ALA A 61 -19.78 11.37 -5.09
N LEU A 62 -19.55 10.99 -3.83
CA LEU A 62 -20.03 9.68 -3.33
C LEU A 62 -21.55 9.65 -3.27
N ARG A 63 -22.18 10.76 -2.88
CA ARG A 63 -23.66 10.87 -2.82
C ARG A 63 -24.23 10.63 -4.22
N LYS A 64 -23.58 11.18 -5.24
CA LYS A 64 -24.05 11.07 -6.64
C LYS A 64 -23.83 9.65 -7.16
N LYS A 65 -22.68 9.04 -6.87
CA LYS A 65 -22.21 7.78 -7.50
C LYS A 65 -22.81 6.57 -6.76
N VAL A 66 -22.93 6.65 -5.43
CA VAL A 66 -23.14 5.45 -4.57
C VAL A 66 -24.39 5.60 -3.71
N GLY A 67 -24.33 6.48 -2.70
CA GLY A 67 -25.34 6.52 -1.62
C GLY A 67 -25.09 7.68 -0.69
N HIS A 68 -25.94 7.81 0.32
CA HIS A 68 -25.98 9.03 1.18
C HIS A 68 -24.75 9.05 2.10
N ALA A 69 -23.65 9.50 1.51
CA ALA A 69 -22.36 9.58 2.19
C ALA A 69 -22.48 10.61 3.32
N GLU A 70 -21.84 10.31 4.43
CA GLU A 70 -21.85 11.17 5.63
C GLU A 70 -20.42 11.43 6.06
N LEU A 71 -20.07 12.70 6.22
CA LEU A 71 -18.71 13.08 6.67
C LEU A 71 -18.60 12.84 8.17
N LEU A 72 -17.63 12.04 8.61
CA LEU A 72 -17.43 11.73 10.05
C LEU A 72 -16.26 12.51 10.64
N GLN A 73 -15.19 12.71 9.87
CA GLN A 73 -13.95 13.28 10.44
C GLN A 73 -13.15 13.93 9.33
N VAL A 74 -12.58 15.07 9.66
CA VAL A 74 -11.54 15.75 8.85
C VAL A 74 -10.50 16.27 9.84
N SER A 75 -9.30 15.74 9.80
CA SER A 75 -8.27 16.11 10.82
C SER A 75 -6.89 16.12 10.20
N GLY B 1 0.44 -11.62 5.84
CA GLY B 1 1.20 -11.19 7.06
C GLY B 1 0.64 -12.01 8.18
N PRO B 2 1.13 -11.85 9.43
CA PRO B 2 0.59 -12.66 10.50
C PRO B 2 -0.93 -12.44 10.58
N GLY B 3 -1.66 -13.53 10.73
CA GLY B 3 -3.13 -13.50 10.74
C GLY B 3 -3.67 -13.91 9.39
N MET B 4 -4.87 -13.48 9.05
CA MET B 4 -5.58 -14.00 7.86
C MET B 4 -5.49 -13.04 6.68
N LYS B 5 -4.80 -11.92 6.81
CA LYS B 5 -4.72 -10.96 5.69
C LYS B 5 -3.40 -11.16 4.92
N GLN B 6 -3.48 -10.88 3.64
CA GLN B 6 -2.35 -10.83 2.70
C GLN B 6 -1.87 -9.39 2.57
N LYS B 7 -0.58 -9.19 2.38
N LYS B 7 -0.58 -9.23 2.28
CA LYS B 7 -0.06 -7.88 1.95
CA LYS B 7 0.03 -7.94 1.87
C LYS B 7 0.80 -8.14 0.72
C LYS B 7 0.75 -8.16 0.54
N ILE B 8 0.51 -7.41 -0.34
N ILE B 8 0.46 -7.32 -0.43
CA ILE B 8 1.40 -7.46 -1.52
CA ILE B 8 0.98 -7.39 -1.81
C ILE B 8 1.70 -6.03 -1.95
C ILE B 8 1.54 -6.01 -2.16
N VAL B 9 2.76 -5.94 -2.72
CA VAL B 9 3.25 -4.65 -3.27
C VAL B 9 3.44 -4.83 -4.77
N ILE B 10 2.84 -3.93 -5.54
CA ILE B 10 2.90 -3.94 -7.01
C ILE B 10 3.43 -2.59 -7.49
N LYS B 11 4.47 -2.61 -8.30
CA LYS B 11 5.00 -1.40 -8.96
C LYS B 11 4.06 -1.04 -10.12
N VAL B 12 3.64 0.20 -10.16
CA VAL B 12 2.63 0.64 -11.15
C VAL B 12 3.23 1.69 -12.04
N PRO B 13 2.62 1.87 -13.23
CA PRO B 13 3.11 2.84 -14.21
C PRO B 13 2.98 4.25 -13.64
N MET B 14 4.02 5.03 -13.95
CA MET B 14 4.16 6.42 -13.51
C MET B 14 4.07 7.34 -14.73
N ALA B 15 3.25 7.00 -15.71
CA ALA B 15 3.08 7.82 -16.92
C ALA B 15 2.62 9.22 -16.49
N SER B 16 1.76 9.29 -15.50
CA SER B 16 1.16 10.54 -14.99
C SER B 16 0.55 10.28 -13.63
N ASP B 17 0.25 11.35 -12.92
CA ASP B 17 -0.52 11.30 -11.65
C ASP B 17 -1.87 10.59 -11.91
N LYS B 18 -2.56 10.92 -12.99
CA LYS B 18 -3.85 10.32 -13.38
C LYS B 18 -3.68 8.81 -13.62
N CYS B 19 -2.63 8.40 -14.31
CA CYS B 19 -2.35 6.96 -14.52
C CYS B 19 -2.18 6.25 -13.15
N ARG B 20 -1.39 6.83 -12.28
CA ARG B 20 -1.13 6.24 -10.96
C ARG B 20 -2.47 6.16 -10.19
N SER B 21 -3.30 7.19 -10.31
CA SER B 21 -4.63 7.21 -9.68
C SER B 21 -5.57 6.16 -10.30
N LYS B 22 -5.51 5.92 -11.61
CA LYS B 22 -6.28 4.84 -12.29
C LYS B 22 -5.84 3.48 -11.69
N ALA B 23 -4.54 3.28 -11.45
CA ALA B 23 -4.02 2.03 -10.88
C ALA B 23 -4.57 1.87 -9.45
N MET B 24 -4.51 2.96 -8.66
N MET B 24 -4.55 2.94 -8.65
CA MET B 24 -5.06 3.00 -7.28
CA MET B 24 -5.07 2.88 -7.26
C MET B 24 -6.54 2.60 -7.31
C MET B 24 -6.57 2.57 -7.30
N ALA B 25 -7.30 3.19 -8.22
CA ALA B 25 -8.75 2.93 -8.33
C ALA B 25 -9.01 1.47 -8.69
N LEU B 26 -8.26 0.94 -9.63
CA LEU B 26 -8.44 -0.48 -10.05
C LEU B 26 -8.19 -1.38 -8.84
N VAL B 27 -7.06 -1.18 -8.15
CA VAL B 27 -6.75 -2.06 -7.01
C VAL B 27 -7.81 -1.88 -5.93
N ALA B 28 -8.14 -0.65 -5.58
CA ALA B 28 -9.10 -0.39 -4.49
C ALA B 28 -10.46 -1.06 -4.78
N SER B 29 -10.84 -1.15 -6.06
CA SER B 29 -12.11 -1.67 -6.62
C SER B 29 -12.18 -3.20 -6.54
N THR B 30 -11.03 -3.86 -6.28
CA THR B 30 -10.89 -5.32 -6.40
C THR B 30 -11.55 -5.99 -5.19
N GLY B 31 -12.26 -7.10 -5.43
CA GLY B 31 -12.87 -7.88 -4.34
C GLY B 31 -11.86 -8.30 -3.27
N GLY B 32 -12.23 -8.15 -2.00
CA GLY B 32 -11.43 -8.62 -0.86
C GLY B 32 -10.32 -7.67 -0.47
N VAL B 33 -10.21 -6.52 -1.10
CA VAL B 33 -9.25 -5.46 -0.70
C VAL B 33 -9.79 -4.69 0.48
N ASP B 34 -8.99 -4.55 1.51
CA ASP B 34 -9.31 -3.74 2.70
C ASP B 34 -8.66 -2.36 2.59
N SER B 35 -7.44 -2.27 2.08
CA SER B 35 -6.74 -0.97 2.09
C SER B 35 -5.67 -0.97 1.01
N VAL B 36 -5.36 0.24 0.56
CA VAL B 36 -4.32 0.46 -0.47
C VAL B 36 -3.54 1.70 -0.05
N ALA B 37 -2.25 1.72 -0.35
CA ALA B 37 -1.41 2.90 -0.11
C ALA B 37 -0.32 2.99 -1.15
N LEU B 38 0.02 4.22 -1.50
CA LEU B 38 1.22 4.49 -2.30
C LEU B 38 2.46 4.41 -1.40
N VAL B 39 3.38 3.57 -1.78
CA VAL B 39 4.61 3.30 -1.00
C VAL B 39 5.77 3.33 -2.00
N GLY B 40 6.93 3.06 -1.48
CA GLY B 40 8.19 3.13 -2.22
C GLY B 40 8.85 4.47 -2.06
N ASP B 41 10.16 4.51 -2.18
CA ASP B 41 10.90 5.80 -2.11
C ASP B 41 10.38 6.81 -3.14
N LEU B 42 9.92 6.36 -4.28
CA LEU B 42 9.37 7.24 -5.34
C LEU B 42 7.84 7.18 -5.42
N ARG B 43 7.14 6.61 -4.46
CA ARG B 43 5.66 6.56 -4.46
C ARG B 43 5.18 6.03 -5.81
N ASP B 44 5.80 4.93 -6.24
CA ASP B 44 5.54 4.26 -7.53
C ASP B 44 5.02 2.84 -7.30
N LYS B 45 4.66 2.51 -6.08
CA LYS B 45 4.18 1.17 -5.74
C LYS B 45 2.91 1.29 -4.95
N ILE B 46 2.03 0.33 -5.17
CA ILE B 46 0.77 0.20 -4.41
C ILE B 46 0.92 -0.99 -3.49
N GLU B 47 0.78 -0.72 -2.21
CA GLU B 47 0.70 -1.78 -1.18
C GLU B 47 -0.77 -2.05 -0.91
N VAL B 48 -1.18 -3.29 -1.07
N VAL B 48 -1.12 -3.33 -0.97
CA VAL B 48 -2.61 -3.64 -0.88
CA VAL B 48 -2.51 -3.85 -0.99
C VAL B 48 -2.69 -4.77 0.14
C VAL B 48 -2.65 -4.82 0.19
N VAL B 49 -3.67 -4.62 1.04
CA VAL B 49 -3.95 -5.55 2.15
C VAL B 49 -5.39 -6.03 1.99
N GLY B 50 -5.58 -7.31 2.17
CA GLY B 50 -6.92 -7.87 2.15
C GLY B 50 -6.87 -9.36 2.23
N ASP B 51 -7.95 -9.99 1.83
CA ASP B 51 -7.94 -11.47 1.86
C ASP B 51 -8.56 -11.96 0.56
N GLY B 52 -8.08 -13.11 0.11
CA GLY B 52 -8.56 -13.74 -1.13
C GLY B 52 -8.17 -12.93 -2.36
N ILE B 53 -7.10 -12.13 -2.28
CA ILE B 53 -6.61 -11.37 -3.45
C ILE B 53 -5.72 -12.27 -4.26
N ASP B 54 -5.95 -12.27 -5.57
CA ASP B 54 -5.11 -13.05 -6.48
C ASP B 54 -4.08 -12.07 -7.06
N SER B 55 -2.86 -12.12 -6.55
CA SER B 55 -1.82 -11.13 -6.89
C SER B 55 -1.54 -11.18 -8.38
N ILE B 56 -1.52 -12.39 -8.97
CA ILE B 56 -1.10 -12.51 -10.39
C ILE B 56 -2.24 -11.98 -11.27
N LYS B 57 -3.47 -12.29 -10.92
CA LYS B 57 -4.65 -11.77 -11.65
C LYS B 57 -4.64 -10.23 -11.55
N LEU B 58 -4.27 -9.67 -10.39
CA LEU B 58 -4.26 -8.21 -10.21
C LEU B 58 -3.17 -7.58 -11.11
N VAL B 59 -2.01 -8.19 -11.19
CA VAL B 59 -0.95 -7.70 -12.11
C VAL B 59 -1.50 -7.68 -13.54
N SER B 60 -2.09 -8.78 -13.98
CA SER B 60 -2.65 -8.87 -15.35
C SER B 60 -3.69 -7.76 -15.58
N ALA B 61 -4.57 -7.53 -14.62
CA ALA B 61 -5.63 -6.51 -14.73
C ALA B 61 -5.01 -5.11 -14.82
N LEU B 62 -3.99 -4.85 -14.02
CA LEU B 62 -3.32 -3.54 -14.10
C LEU B 62 -2.66 -3.38 -15.47
N ARG B 63 -2.00 -4.42 -15.97
CA ARG B 63 -1.35 -4.31 -17.30
C ARG B 63 -2.38 -4.06 -18.41
N LYS B 64 -3.54 -4.69 -18.34
CA LYS B 64 -4.61 -4.51 -19.34
C LYS B 64 -5.14 -3.07 -19.28
N LYS B 65 -5.46 -2.58 -18.10
CA LYS B 65 -6.34 -1.40 -17.98
C LYS B 65 -5.50 -0.14 -17.92
N VAL B 66 -4.28 -0.24 -17.43
CA VAL B 66 -3.63 0.99 -16.91
C VAL B 66 -2.28 1.18 -17.57
N GLY B 67 -1.47 0.14 -17.60
CA GLY B 67 -0.05 0.22 -17.95
C GLY B 67 0.70 -0.86 -17.19
N HIS B 68 1.98 -0.98 -17.48
CA HIS B 68 2.83 -2.06 -16.98
C HIS B 68 2.78 -2.12 -15.45
N ALA B 69 2.79 -3.32 -14.91
CA ALA B 69 2.74 -3.59 -13.46
C ALA B 69 3.66 -4.76 -13.16
N GLU B 70 4.24 -4.76 -11.97
CA GLU B 70 5.23 -5.76 -11.56
C GLU B 70 5.02 -6.07 -10.07
N LEU B 71 4.78 -7.33 -9.76
CA LEU B 71 4.73 -7.78 -8.36
C LEU B 71 6.11 -7.66 -7.74
N LEU B 72 6.20 -7.03 -6.57
CA LEU B 72 7.52 -6.87 -5.93
C LEU B 72 7.59 -7.46 -4.53
N GLN B 73 6.46 -7.69 -3.87
CA GLN B 73 6.55 -8.23 -2.49
C GLN B 73 5.27 -8.99 -2.19
N VAL B 74 5.43 -10.10 -1.49
CA VAL B 74 4.31 -10.86 -0.88
C VAL B 74 4.71 -11.14 0.55
N SER B 75 3.84 -10.79 1.49
CA SER B 75 4.13 -11.03 2.91
C SER B 75 2.85 -11.28 3.69
N LYS C 11 24.20 8.62 -1.18
CA LYS C 11 25.39 8.16 -0.39
C LYS C 11 25.82 6.76 -0.85
N ARG C 12 27.03 6.33 -0.43
CA ARG C 12 27.66 5.01 -0.77
C ARG C 12 28.29 4.27 0.40
N ALA C 13 28.03 4.68 1.61
CA ALA C 13 28.37 3.88 2.81
C ALA C 13 27.07 3.70 3.54
N ILE C 14 26.70 2.45 3.85
CA ILE C 14 25.38 2.21 4.50
C ILE C 14 25.46 2.66 5.96
N ASP C 15 24.51 3.49 6.35
CA ASP C 15 24.38 3.94 7.75
C ASP C 15 22.89 4.11 8.05
N LEU C 16 22.31 3.07 8.63
CA LEU C 16 20.85 3.10 8.86
C LEU C 16 20.50 4.15 9.90
N SER C 17 21.46 4.58 10.72
CA SER C 17 21.18 5.62 11.74
C SER C 17 20.95 6.98 11.06
N ARG C 18 21.33 7.15 9.79
CA ARG C 18 21.19 8.45 9.10
C ARG C 18 20.19 8.34 7.95
N GLU C 19 19.59 7.19 7.74
CA GLU C 19 18.63 7.00 6.62
C GLU C 19 17.30 7.63 7.00
N ARG C 20 16.72 8.36 6.06
CA ARG C 20 15.35 8.91 6.27
C ARG C 20 14.35 7.76 6.36
N ASP C 21 13.35 7.96 7.19
CA ASP C 21 12.32 6.91 7.34
C ASP C 21 11.69 6.65 5.98
N PRO C 22 11.34 5.39 5.70
CA PRO C 22 10.58 5.08 4.51
C PRO C 22 9.19 5.75 4.49
N ASN C 23 8.63 5.81 3.30
CA ASN C 23 7.18 5.98 3.12
C ASN C 23 6.47 4.74 3.62
N PHE C 24 5.42 4.93 4.38
CA PHE C 24 4.66 3.77 4.91
C PHE C 24 3.22 4.18 5.15
N PHE C 25 2.41 3.15 5.28
CA PHE C 25 1.02 3.26 5.76
C PHE C 25 0.78 2.08 6.68
N ASP C 26 0.40 2.39 7.92
CA ASP C 26 0.10 1.30 8.86
C ASP C 26 -1.37 0.94 8.64
N HIS C 27 -1.62 0.01 7.74
CA HIS C 27 -2.98 -0.41 7.37
C HIS C 27 -3.74 -0.79 8.62
N PRO C 28 -5.01 -0.34 8.77
CA PRO C 28 -5.73 -0.57 10.00
C PRO C 28 -6.16 -2.01 10.20
N GLY C 29 -6.25 -2.82 9.14
CA GLY C 29 -6.81 -4.19 9.33
C GLY C 29 -5.81 -5.24 9.86
N ILE C 30 -4.57 -4.85 10.10
CA ILE C 30 -3.45 -5.78 10.41
C ILE C 30 -2.57 -5.18 11.50
N PRO C 31 -1.82 -6.02 12.22
CA PRO C 31 -0.89 -5.50 13.22
C PRO C 31 0.13 -4.53 12.60
N VAL C 32 0.58 -3.62 13.43
CA VAL C 32 1.55 -2.59 12.96
C VAL C 32 2.92 -3.26 12.87
N PRO C 33 3.55 -3.24 11.68
CA PRO C 33 4.87 -3.86 11.57
C PRO C 33 5.95 -3.11 12.36
N GLU C 34 6.87 -3.87 12.92
CA GLU C 34 7.83 -3.39 13.94
C GLU C 34 9.11 -2.81 13.30
N CYS C 35 9.37 -3.12 12.04
CA CYS C 35 10.68 -2.86 11.42
C CYS C 35 10.56 -1.95 10.21
N PHE C 36 11.64 -1.23 9.96
CA PHE C 36 11.90 -0.66 8.64
C PHE C 36 12.94 -1.54 7.93
N TRP C 37 12.80 -1.66 6.62
CA TRP C 37 13.82 -2.30 5.78
C TRP C 37 14.29 -1.29 4.74
N PHE C 38 15.54 -1.46 4.33
CA PHE C 38 16.17 -0.58 3.31
C PHE C 38 16.94 -1.48 2.36
N MET C 39 16.72 -1.27 1.08
CA MET C 39 17.37 -2.07 0.02
C MET C 39 18.43 -1.21 -0.66
N PHE C 40 19.63 -1.77 -0.84
CA PHE C 40 20.78 -1.08 -1.44
C PHE C 40 21.35 -1.90 -2.59
N LYS C 41 21.83 -1.18 -3.60
CA LYS C 41 22.65 -1.72 -4.70
C LYS C 41 23.97 -0.95 -4.72
N ASN C 42 25.09 -1.65 -4.60
CA ASN C 42 26.41 -1.01 -4.47
C ASN C 42 26.39 0.03 -3.33
N ASN C 43 25.69 -0.28 -2.25
CA ASN C 43 25.63 0.57 -1.04
C ASN C 43 24.86 1.86 -1.30
N VAL C 44 24.08 1.91 -2.38
CA VAL C 44 23.23 3.06 -2.74
C VAL C 44 21.76 2.69 -2.51
N ARG C 45 21.04 3.46 -1.70
CA ARG C 45 19.63 3.16 -1.37
C ARG C 45 18.77 3.11 -2.62
N GLN C 46 18.00 2.04 -2.79
CA GLN C 46 17.08 1.84 -3.93
C GLN C 46 15.62 1.92 -3.48
N ASP C 47 15.30 1.45 -2.29
CA ASP C 47 13.89 1.45 -1.83
C ASP C 47 13.89 1.17 -0.33
N ALA C 48 12.74 1.31 0.29
CA ALA C 48 12.60 1.07 1.73
C ALA C 48 11.14 0.90 2.06
N GLY C 49 10.86 0.32 3.23
CA GLY C 49 9.47 0.13 3.65
C GLY C 49 9.41 -0.40 5.04
N THR C 50 8.26 -0.92 5.41
CA THR C 50 8.07 -1.57 6.73
C THR C 50 8.00 -3.08 6.55
N CYS C 51 8.31 -3.80 7.63
CA CYS C 51 8.11 -5.26 7.67
C CYS C 51 7.97 -5.71 9.11
N TYR C 52 7.41 -6.89 9.24
CA TYR C 52 7.24 -7.50 10.59
C TYR C 52 8.55 -8.07 11.08
N SER C 53 8.76 -7.96 12.38
CA SER C 53 9.79 -8.76 13.08
C SER C 53 9.35 -10.21 13.22
N SER C 54 10.29 -11.11 13.39
CA SER C 54 10.01 -12.55 13.61
C SER C 54 9.04 -13.04 12.54
N TRP C 55 9.35 -12.79 11.28
CA TRP C 55 8.42 -13.10 10.18
C TRP C 55 9.24 -13.37 8.92
N LYS C 56 8.57 -13.33 7.80
CA LYS C 56 9.19 -13.69 6.51
C LYS C 56 8.41 -13.02 5.41
N MET C 57 9.10 -12.75 4.33
CA MET C 57 8.47 -12.17 3.15
C MET C 57 9.25 -12.60 1.92
N ASP C 58 8.57 -12.53 0.79
CA ASP C 58 9.23 -12.69 -0.51
C ASP C 58 9.29 -11.33 -1.17
N MET C 59 10.47 -10.96 -1.64
CA MET C 59 10.67 -9.62 -2.20
C MET C 59 11.55 -9.72 -3.42
N LYS C 60 11.21 -8.94 -4.44
N LYS C 60 11.22 -8.90 -4.41
CA LYS C 60 12.07 -8.80 -5.64
CA LYS C 60 12.06 -8.78 -5.61
C LYS C 60 13.24 -7.88 -5.28
C LYS C 60 13.25 -7.87 -5.26
N VAL C 61 14.45 -8.43 -5.34
CA VAL C 61 15.70 -7.72 -5.03
C VAL C 61 16.56 -7.78 -6.30
N GLY C 62 16.66 -6.67 -7.02
CA GLY C 62 17.30 -6.67 -8.34
C GLY C 62 16.68 -7.76 -9.20
N PRO C 63 17.45 -8.68 -9.77
CA PRO C 63 16.89 -9.62 -10.73
C PRO C 63 16.14 -10.79 -10.10
N ASN C 64 16.20 -10.97 -8.78
CA ASN C 64 15.74 -12.22 -8.16
C ASN C 64 14.63 -12.02 -7.14
N TRP C 65 13.76 -12.99 -7.07
CA TRP C 65 12.86 -13.16 -5.92
C TRP C 65 13.66 -13.74 -4.77
N VAL C 66 13.60 -13.08 -3.61
CA VAL C 66 14.39 -13.47 -2.43
C VAL C 66 13.47 -13.67 -1.24
N HIS C 67 13.57 -14.83 -0.60
CA HIS C 67 12.87 -15.08 0.68
C HIS C 67 13.69 -14.45 1.80
N ILE C 68 13.09 -13.51 2.49
CA ILE C 68 13.78 -12.71 3.54
C ILE C 68 13.12 -13.05 4.87
N LYS C 69 13.93 -13.50 5.81
CA LYS C 69 13.48 -13.75 7.19
C LYS C 69 13.89 -12.59 8.08
N SER C 70 13.08 -12.28 9.07
CA SER C 70 13.40 -11.28 10.11
C SER C 70 13.43 -11.99 11.45
N ASP C 71 14.34 -11.58 12.31
CA ASP C 71 14.38 -12.11 13.69
C ASP C 71 13.65 -11.12 14.60
N ASP C 72 13.68 -11.38 15.89
CA ASP C 72 12.96 -10.57 16.90
C ASP C 72 13.51 -9.16 16.99
N ASN C 73 14.72 -8.92 16.47
CA ASN C 73 15.38 -7.61 16.58
C ASN C 73 15.46 -6.91 15.22
N CYS C 74 14.67 -7.34 14.25
CA CYS C 74 14.58 -6.72 12.92
C CYS C 74 15.86 -7.00 12.10
N ASN C 75 16.69 -7.95 12.47
CA ASN C 75 17.80 -8.35 11.58
C ASN C 75 17.22 -9.21 10.45
N LEU C 76 17.60 -8.91 9.21
CA LEU C 76 17.07 -9.63 8.03
C LEU C 76 18.10 -10.57 7.46
N SER C 77 17.65 -11.70 6.96
CA SER C 77 18.54 -12.66 6.30
C SER C 77 17.92 -13.11 4.99
N GLY C 78 18.76 -13.28 4.00
CA GLY C 78 18.30 -13.76 2.70
C GLY C 78 19.49 -13.93 1.78
N ASP C 79 19.28 -14.66 0.69
CA ASP C 79 20.33 -14.90 -0.32
C ASP C 79 20.19 -13.83 -1.39
N PHE C 80 20.82 -12.70 -1.16
CA PHE C 80 20.70 -11.53 -2.05
C PHE C 80 21.63 -11.69 -3.25
N PRO C 81 21.19 -11.23 -4.43
CA PRO C 81 22.03 -11.30 -5.61
C PRO C 81 23.22 -10.36 -5.45
N PRO C 82 24.33 -10.64 -6.18
CA PRO C 82 25.52 -9.82 -6.09
C PRO C 82 25.25 -8.31 -6.23
N GLY C 83 25.80 -7.54 -5.30
CA GLY C 83 25.67 -6.07 -5.30
C GLY C 83 24.50 -5.57 -4.49
N TRP C 84 23.60 -6.45 -4.07
CA TRP C 84 22.37 -6.04 -3.39
C TRP C 84 22.36 -6.51 -1.94
N ILE C 85 21.66 -5.75 -1.10
CA ILE C 85 21.40 -6.18 0.29
C ILE C 85 20.11 -5.51 0.73
N VAL C 86 19.42 -6.16 1.65
CA VAL C 86 18.27 -5.59 2.36
C VAL C 86 18.59 -5.69 3.85
N LEU C 87 18.50 -4.55 4.55
CA LEU C 87 18.82 -4.43 5.98
C LEU C 87 17.64 -3.89 6.75
N GLY C 88 17.53 -4.37 7.98
CA GLY C 88 16.43 -3.98 8.86
C GLY C 88 16.87 -3.13 10.03
N LYS C 89 15.92 -2.41 10.60
CA LYS C 89 16.08 -1.81 11.93
C LYS C 89 14.73 -1.61 12.58
N LYS C 90 14.77 -1.49 13.89
CA LYS C 90 13.55 -1.27 14.68
C LYS C 90 12.98 0.11 14.41
N ARG C 91 11.68 0.18 14.23
CA ARG C 91 10.96 1.46 14.15
C ARG C 91 10.95 2.16 15.50
N PRO C 92 10.79 3.49 15.52
CA PRO C 92 10.63 4.22 16.78
C PRO C 92 9.47 3.63 17.58
N GLY C 93 9.69 3.41 18.88
CA GLY C 93 8.66 2.93 19.81
C GLY C 93 8.59 1.42 19.89
N PHE C 94 9.37 0.71 19.06
CA PHE C 94 9.43 -0.77 19.08
C PHE C 94 10.74 -1.20 19.77
#